data_7YRA
#
_entry.id   7YRA
#
_cell.length_a   32.409
_cell.length_b   51.022
_cell.length_c   98.805
_cell.angle_alpha   90.00
_cell.angle_beta   93.45
_cell.angle_gamma   90.00
#
_symmetry.space_group_name_H-M   'P 1 21 1'
#
loop_
_entity.id
_entity.type
_entity.pdbx_description
1 polymer 'Ubiquinol-cytochrome c reductase iron-sulfur subunit'
2 non-polymer 'FE2/S2 (INORGANIC) CLUSTER'
3 non-polymer 'SULFATE ION'
4 non-polymer 'CHLORIDE ION'
5 non-polymer GLYCEROL
6 water water
#
_entity_poly.entity_id   1
_entity_poly.type   'polypeptide(L)'
_entity_poly.pdbx_seq_one_letter_code
;PVEADISKLEPGALLRVKWRGKPVWLVHRTPEMLAALPSNDPKLVDPNSEVPQQPDYCKNPTRSIKPQYLVAIGICTHLG
CSPTYRPEFGPDDLGADWKGGFFCPCHGSRFDLAARVFKNVPAPTNLVIPKHVYLNDTTILIGEDRGSA
;
_entity_poly.pdbx_strand_id   A,B
#
loop_
_chem_comp.id
_chem_comp.type
_chem_comp.name
_chem_comp.formula
CL non-polymer 'CHLORIDE ION' 'Cl -1'
FES non-polymer 'FE2/S2 (INORGANIC) CLUSTER' 'Fe2 S2'
GOL non-polymer GLYCEROL 'C3 H8 O3'
SO4 non-polymer 'SULFATE ION' 'O4 S -2'
#
# COMPACT_ATOMS: atom_id res chain seq x y z
N PRO A 1 -4.41 -0.13 0.28
CA PRO A 1 -3.86 0.07 -1.07
C PRO A 1 -3.22 -1.20 -1.63
N VAL A 2 -3.02 -1.21 -2.94
CA VAL A 2 -2.46 -2.35 -3.65
C VAL A 2 -1.13 -2.04 -4.32
N GLU A 3 -0.16 -2.90 -4.10
CA GLU A 3 1.14 -2.69 -4.69
C GLU A 3 1.27 -3.30 -6.09
N ALA A 4 1.81 -2.52 -7.02
CA ALA A 4 2.04 -2.99 -8.37
C ALA A 4 3.56 -3.04 -8.64
N ASP A 5 4.08 -4.25 -8.74
CA ASP A 5 5.49 -4.47 -9.00
C ASP A 5 5.64 -4.45 -10.52
N ILE A 6 6.27 -3.41 -11.06
CA ILE A 6 6.45 -3.32 -12.50
C ILE A 6 7.88 -3.61 -12.92
N SER A 7 8.66 -4.18 -12.01
CA SER A 7 10.07 -4.49 -12.29
C SER A 7 10.26 -5.41 -13.50
N LYS A 8 9.26 -6.22 -13.82
CA LYS A 8 9.38 -7.12 -14.95
C LYS A 8 8.46 -6.81 -16.12
N LEU A 9 7.81 -5.65 -16.04
CA LEU A 9 6.87 -5.23 -17.08
C LEU A 9 7.63 -4.74 -18.31
N GLU A 10 7.75 -5.60 -19.31
CA GLU A 10 8.51 -5.25 -20.52
C GLU A 10 7.83 -4.20 -21.40
N PRO A 11 8.61 -3.55 -22.27
CA PRO A 11 8.06 -2.53 -23.17
C PRO A 11 6.80 -3.04 -23.85
N GLY A 12 5.75 -2.24 -23.85
CA GLY A 12 4.49 -2.60 -24.49
C GLY A 12 3.62 -3.60 -23.74
N ALA A 13 4.10 -4.12 -22.62
CA ALA A 13 3.32 -5.08 -21.84
C ALA A 13 2.33 -4.39 -20.89
N LEU A 14 1.29 -5.11 -20.51
CA LEU A 14 0.28 -4.56 -19.62
C LEU A 14 0.08 -5.45 -18.40
N LEU A 15 0.20 -4.85 -17.22
CA LEU A 15 0.02 -5.55 -15.95
C LEU A 15 -1.36 -5.21 -15.39
N ARG A 16 -2.04 -6.24 -14.90
CA ARG A 16 -3.37 -6.07 -14.31
C ARG A 16 -3.34 -6.41 -12.82
N VAL A 17 -3.82 -5.49 -11.98
CA VAL A 17 -3.90 -5.77 -10.55
C VAL A 17 -5.31 -5.41 -10.14
N LYS A 18 -5.81 -6.01 -9.06
CA LYS A 18 -7.16 -5.71 -8.60
C LYS A 18 -7.15 -4.76 -7.42
N TRP A 19 -7.97 -3.72 -7.50
CA TRP A 19 -8.06 -2.73 -6.42
C TRP A 19 -9.50 -2.32 -6.21
N ARG A 20 -10.02 -2.59 -5.01
CA ARG A 20 -11.41 -2.27 -4.68
C ARG A 20 -12.35 -2.92 -5.68
N GLY A 21 -12.02 -4.14 -6.07
CA GLY A 21 -12.87 -4.87 -7.00
C GLY A 21 -12.74 -4.42 -8.44
N LYS A 22 -11.89 -3.43 -8.69
CA LYS A 22 -11.70 -2.92 -10.04
C LYS A 22 -10.36 -3.32 -10.65
N PRO A 23 -10.34 -3.53 -11.98
CA PRO A 23 -9.09 -3.90 -12.63
C PRO A 23 -8.27 -2.64 -12.86
N VAL A 24 -7.01 -2.66 -12.42
CA VAL A 24 -6.13 -1.51 -12.64
C VAL A 24 -5.05 -1.97 -13.59
N TRP A 25 -4.91 -1.24 -14.68
CA TRP A 25 -3.92 -1.59 -15.68
C TRP A 25 -2.71 -0.68 -15.63
N LEU A 26 -1.55 -1.28 -15.84
CA LEU A 26 -0.30 -0.53 -15.85
C LEU A 26 0.35 -0.94 -17.15
N VAL A 27 0.54 0.04 -18.03
CA VAL A 27 1.11 -0.21 -19.32
C VAL A 27 2.48 0.47 -19.51
N HIS A 28 3.46 -0.33 -19.89
CA HIS A 28 4.78 0.18 -20.15
C HIS A 28 4.78 0.69 -21.58
N ARG A 29 4.73 2.01 -21.72
CA ARG A 29 4.71 2.64 -23.03
C ARG A 29 6.12 2.88 -23.56
N THR A 30 6.30 2.64 -24.85
CA THR A 30 7.57 2.83 -25.53
C THR A 30 7.60 4.26 -26.07
N PRO A 31 8.80 4.77 -26.43
CA PRO A 31 8.84 6.13 -26.96
C PRO A 31 7.97 6.23 -28.21
N GLU A 32 7.90 5.16 -29.00
CA GLU A 32 7.08 5.17 -30.22
C GLU A 32 5.61 5.39 -29.88
N MET A 33 5.14 4.72 -28.82
CA MET A 33 3.77 4.90 -28.38
C MET A 33 3.55 6.33 -27.91
N LEU A 34 4.52 6.86 -27.18
CA LEU A 34 4.38 8.23 -26.65
C LEU A 34 4.42 9.27 -27.76
N ALA A 35 5.29 9.05 -28.75
CA ALA A 35 5.45 9.97 -29.87
C ALA A 35 4.14 10.24 -30.61
N ALA A 36 3.31 9.22 -30.70
CA ALA A 36 2.04 9.29 -31.41
C ALA A 36 0.87 9.91 -30.68
N LEU A 37 0.94 10.00 -29.35
CA LEU A 37 -0.17 10.55 -28.58
C LEU A 37 -0.71 11.93 -28.95
N PRO A 38 0.17 12.94 -29.06
CA PRO A 38 -0.31 14.28 -29.41
C PRO A 38 -1.10 14.31 -30.72
N SER A 39 -0.75 13.42 -31.64
CA SER A 39 -1.44 13.38 -32.93
C SER A 39 -2.91 13.01 -32.76
N ASN A 40 -3.25 12.34 -31.67
CA ASN A 40 -4.65 11.96 -31.43
C ASN A 40 -5.52 13.13 -30.98
N ASP A 41 -4.92 14.13 -30.34
CA ASP A 41 -5.65 15.28 -29.80
C ASP A 41 -6.89 15.79 -30.54
N PRO A 42 -6.75 16.13 -31.83
CA PRO A 42 -7.89 16.63 -32.61
C PRO A 42 -9.05 15.64 -32.71
N LYS A 43 -8.74 14.36 -32.54
CA LYS A 43 -9.77 13.33 -32.65
C LYS A 43 -10.34 12.89 -31.32
N LEU A 44 -9.83 13.48 -30.24
CA LEU A 44 -10.25 13.12 -28.91
C LEU A 44 -11.30 14.07 -28.29
N VAL A 45 -12.13 13.52 -27.42
CA VAL A 45 -13.15 14.34 -26.77
C VAL A 45 -12.56 15.32 -25.76
N ASP A 46 -11.68 14.82 -24.90
CA ASP A 46 -11.07 15.59 -23.81
C ASP A 46 -9.54 15.41 -23.80
N PRO A 47 -8.86 15.85 -24.86
CA PRO A 47 -7.40 15.73 -24.96
C PRO A 47 -6.59 16.32 -23.80
N ASN A 48 -7.15 17.31 -23.13
CA ASN A 48 -6.45 17.96 -22.03
C ASN A 48 -6.88 17.47 -20.66
N SER A 49 -7.72 16.44 -20.62
CA SER A 49 -8.21 15.90 -19.36
C SER A 49 -8.90 16.95 -18.48
N GLU A 50 -9.75 17.76 -19.08
CA GLU A 50 -10.48 18.78 -18.33
C GLU A 50 -11.52 18.12 -17.42
N VAL A 51 -12.06 16.98 -17.83
CA VAL A 51 -13.02 16.25 -17.00
C VAL A 51 -12.17 15.61 -15.89
N PRO A 52 -12.54 15.79 -14.61
CA PRO A 52 -11.77 15.23 -13.50
C PRO A 52 -11.82 13.71 -13.36
N GLN A 53 -11.27 13.02 -14.37
CA GLN A 53 -11.24 11.57 -14.38
C GLN A 53 -9.91 11.06 -13.83
N GLN A 54 -9.17 11.94 -13.16
CA GLN A 54 -7.86 11.54 -12.64
C GLN A 54 -7.35 12.54 -11.63
N PRO A 55 -6.30 12.17 -10.87
CA PRO A 55 -5.74 13.11 -9.89
C PRO A 55 -5.01 14.19 -10.69
N ASP A 56 -4.75 15.35 -10.07
CA ASP A 56 -4.07 16.44 -10.77
C ASP A 56 -2.68 16.12 -11.29
N TYR A 57 -1.97 15.22 -10.62
CA TYR A 57 -0.63 14.87 -11.06
C TYR A 57 -0.66 13.98 -12.31
N CYS A 58 -1.86 13.69 -12.79
CA CYS A 58 -2.04 12.92 -14.02
C CYS A 58 -2.79 13.76 -15.05
N LYS A 59 -3.10 15.00 -14.72
CA LYS A 59 -3.79 15.88 -15.67
C LYS A 59 -2.72 16.48 -16.57
N ASN A 60 -2.32 15.70 -17.57
CA ASN A 60 -1.30 16.13 -18.51
C ASN A 60 -1.45 15.32 -19.80
N PRO A 61 -0.64 15.62 -20.82
CA PRO A 61 -0.73 14.92 -22.11
C PRO A 61 -0.60 13.40 -22.11
N THR A 62 0.08 12.83 -21.12
CA THR A 62 0.25 11.38 -21.09
C THR A 62 -0.61 10.78 -19.98
N ARG A 63 -1.41 11.64 -19.36
CA ARG A 63 -2.27 11.29 -18.24
C ARG A 63 -1.55 10.37 -17.25
N SER A 64 -0.35 10.76 -16.84
CA SER A 64 0.43 9.94 -15.92
C SER A 64 1.53 10.71 -15.19
N ILE A 65 2.08 10.09 -14.15
CA ILE A 65 3.16 10.70 -13.40
C ILE A 65 4.43 10.64 -14.24
N LYS A 66 4.67 9.50 -14.88
CA LYS A 66 5.86 9.34 -15.72
C LYS A 66 5.41 8.95 -17.12
N PRO A 67 6.14 9.38 -18.14
CA PRO A 67 5.70 8.99 -19.49
C PRO A 67 5.75 7.49 -19.75
N GLN A 68 6.77 6.81 -19.21
CA GLN A 68 6.96 5.37 -19.44
C GLN A 68 5.82 4.44 -19.03
N TYR A 69 5.02 4.85 -18.05
CA TYR A 69 3.93 4.02 -17.58
C TYR A 69 2.58 4.72 -17.48
N LEU A 70 1.56 4.06 -18.02
CA LEU A 70 0.20 4.57 -17.93
C LEU A 70 -0.45 3.71 -16.85
N VAL A 71 -1.16 4.35 -15.92
CA VAL A 71 -1.89 3.64 -14.86
C VAL A 71 -3.36 4.06 -15.01
N ALA A 72 -4.26 3.09 -15.18
CA ALA A 72 -5.68 3.42 -15.34
C ALA A 72 -6.63 2.28 -14.96
N ILE A 73 -7.86 2.64 -14.62
CA ILE A 73 -8.84 1.62 -14.29
C ILE A 73 -9.38 1.09 -15.62
N GLY A 74 -9.23 -0.21 -15.84
CA GLY A 74 -9.65 -0.87 -17.07
C GLY A 74 -11.14 -1.14 -17.20
N ILE A 75 -11.95 -0.10 -17.03
CA ILE A 75 -13.41 -0.21 -17.14
C ILE A 75 -13.94 0.86 -18.09
N CYS A 76 -14.64 0.46 -19.15
CA CYS A 76 -15.17 1.40 -20.20
C CYS A 76 -16.21 2.40 -19.53
N THR A 77 -15.99 3.70 -19.80
CA THR A 77 -16.81 4.75 -19.21
C THR A 77 -18.22 4.82 -19.80
N HIS A 78 -18.48 3.96 -20.78
CA HIS A 78 -19.79 3.93 -21.34
C HIS A 78 -20.74 3.07 -20.40
N LEU A 79 -20.65 1.73 -20.44
CA LEU A 79 -21.51 0.87 -19.65
C LEU A 79 -20.64 -0.11 -18.86
N GLY A 80 -19.31 0.08 -18.81
CA GLY A 80 -18.68 -0.84 -17.88
C GLY A 80 -18.03 -2.17 -18.30
N CYS A 81 -18.05 -2.45 -19.58
CA CYS A 81 -17.32 -3.56 -20.09
C CYS A 81 -15.78 -3.32 -19.92
N SER A 82 -14.99 -4.37 -20.14
CA SER A 82 -13.54 -4.26 -20.04
C SER A 82 -13.02 -4.16 -21.45
N PRO A 83 -12.38 -3.03 -21.80
CA PRO A 83 -11.85 -2.81 -23.15
C PRO A 83 -10.68 -3.74 -23.50
N THR A 84 -10.51 -4.04 -24.78
CA THR A 84 -9.37 -4.86 -25.18
C THR A 84 -8.19 -3.93 -25.35
N TYR A 85 -7.02 -4.46 -25.08
CA TYR A 85 -5.78 -3.71 -25.21
C TYR A 85 -5.24 -4.00 -26.62
N ARG A 86 -5.08 -2.95 -27.43
CA ARG A 86 -4.60 -3.07 -28.80
C ARG A 86 -3.47 -2.09 -29.06
N PRO A 87 -2.26 -2.44 -28.61
CA PRO A 87 -1.07 -1.61 -28.77
C PRO A 87 -0.51 -1.49 -30.18
N GLU A 88 -0.80 -2.48 -31.02
CA GLU A 88 -0.29 -2.47 -32.40
C GLU A 88 -0.83 -1.28 -33.22
N PHE A 89 0.04 -0.68 -34.02
CA PHE A 89 -0.34 0.44 -34.87
C PHE A 89 -1.00 -0.04 -36.15
N GLY A 90 -2.01 0.70 -36.59
CA GLY A 90 -2.72 0.42 -37.83
C GLY A 90 -3.28 -0.95 -38.18
N PRO A 91 -3.88 -1.69 -37.24
CA PRO A 91 -4.42 -3.00 -37.64
C PRO A 91 -5.62 -2.75 -38.57
N ASP A 92 -5.83 -3.65 -39.53
CA ASP A 92 -6.94 -3.48 -40.47
C ASP A 92 -8.29 -3.19 -39.83
N ASP A 93 -8.59 -3.83 -38.71
CA ASP A 93 -9.88 -3.60 -38.09
C ASP A 93 -10.06 -2.24 -37.44
N LEU A 94 -9.00 -1.63 -36.93
CA LEU A 94 -9.16 -0.33 -36.29
C LEU A 94 -8.77 0.85 -37.17
N GLY A 95 -8.13 0.57 -38.29
CA GLY A 95 -7.73 1.63 -39.20
C GLY A 95 -6.23 1.82 -39.25
N ALA A 96 -5.74 2.20 -40.42
CA ALA A 96 -4.32 2.42 -40.63
C ALA A 96 -3.79 3.57 -39.77
N ASP A 97 -4.66 4.48 -39.37
CA ASP A 97 -4.19 5.60 -38.57
C ASP A 97 -4.21 5.31 -37.06
N TRP A 98 -4.57 4.08 -36.69
CA TRP A 98 -4.61 3.69 -35.27
C TRP A 98 -3.22 3.67 -34.67
N LYS A 99 -3.02 4.45 -33.60
CA LYS A 99 -1.71 4.53 -32.95
C LYS A 99 -1.59 3.72 -31.64
N GLY A 100 -2.34 2.63 -31.52
CA GLY A 100 -2.27 1.85 -30.29
C GLY A 100 -3.28 2.41 -29.31
N GLY A 101 -3.81 1.55 -28.43
CA GLY A 101 -4.80 2.02 -27.48
C GLY A 101 -5.70 0.92 -26.99
N PHE A 102 -6.96 1.27 -26.72
CA PHE A 102 -7.94 0.31 -26.22
C PHE A 102 -9.22 0.35 -27.05
N PHE A 103 -9.84 -0.82 -27.19
CA PHE A 103 -11.07 -0.94 -27.96
C PHE A 103 -12.08 -1.75 -27.15
N CYS A 104 -13.20 -1.13 -26.81
CA CYS A 104 -14.21 -1.80 -26.03
C CYS A 104 -15.07 -2.69 -26.95
N PRO A 105 -15.11 -4.01 -26.75
CA PRO A 105 -15.86 -4.94 -27.60
C PRO A 105 -17.38 -4.91 -27.47
N CYS A 106 -17.86 -4.22 -26.46
CA CYS A 106 -19.29 -4.31 -26.24
C CYS A 106 -19.94 -3.24 -27.21
N HIS A 107 -19.49 -1.95 -27.17
CA HIS A 107 -20.25 -1.02 -28.13
C HIS A 107 -19.21 -0.13 -28.94
N GLY A 108 -17.94 -0.63 -29.09
CA GLY A 108 -16.92 0.02 -29.92
C GLY A 108 -16.28 1.27 -29.44
N SER A 109 -16.36 1.61 -28.17
CA SER A 109 -15.68 2.85 -27.76
C SER A 109 -14.13 2.67 -27.86
N ARG A 110 -13.43 3.71 -28.28
CA ARG A 110 -11.98 3.70 -28.46
C ARG A 110 -11.29 4.71 -27.54
N PHE A 111 -10.14 4.32 -27.01
CA PHE A 111 -9.35 5.17 -26.13
C PHE A 111 -7.92 5.04 -26.59
N ASP A 112 -7.11 6.09 -26.44
CA ASP A 112 -5.73 5.98 -26.90
C ASP A 112 -4.82 5.46 -25.82
N LEU A 113 -3.51 5.55 -26.02
CA LEU A 113 -2.58 5.02 -25.03
C LEU A 113 -2.35 5.92 -23.82
N ALA A 114 -3.22 6.91 -23.66
CA ALA A 114 -3.20 7.79 -22.48
C ALA A 114 -4.60 7.59 -21.90
N ALA A 115 -5.28 6.58 -22.43
CA ALA A 115 -6.63 6.19 -22.02
C ALA A 115 -7.64 7.29 -22.28
N ARG A 116 -7.38 8.12 -23.29
CA ARG A 116 -8.27 9.21 -23.66
C ARG A 116 -9.28 8.72 -24.71
N VAL A 117 -10.56 9.03 -24.48
CA VAL A 117 -11.64 8.61 -25.37
C VAL A 117 -11.76 9.42 -26.67
N PHE A 118 -11.96 8.72 -27.77
CA PHE A 118 -12.11 9.37 -29.06
C PHE A 118 -13.51 9.90 -29.22
N LYS A 119 -13.63 10.90 -30.10
CA LYS A 119 -14.93 11.48 -30.38
C LYS A 119 -15.86 10.46 -31.02
N ASN A 120 -17.15 10.68 -30.85
CA ASN A 120 -18.20 9.88 -31.45
C ASN A 120 -18.26 8.38 -31.18
N VAL A 121 -18.07 7.99 -29.93
CA VAL A 121 -18.22 6.60 -29.54
C VAL A 121 -19.18 6.71 -28.35
N PRO A 122 -19.73 5.59 -27.90
CA PRO A 122 -20.67 5.64 -26.77
C PRO A 122 -20.08 6.17 -25.47
N ALA A 123 -18.80 5.87 -25.20
CA ALA A 123 -18.18 6.35 -23.97
C ALA A 123 -17.99 7.86 -24.08
N PRO A 124 -18.37 8.61 -23.03
CA PRO A 124 -18.22 10.06 -23.10
C PRO A 124 -16.97 10.64 -22.44
N THR A 125 -16.22 9.81 -21.70
CA THR A 125 -15.06 10.33 -20.99
C THR A 125 -13.83 9.44 -20.97
N ASN A 126 -12.69 10.04 -20.64
CA ASN A 126 -11.43 9.34 -20.54
C ASN A 126 -11.53 8.33 -19.41
N LEU A 127 -10.85 7.19 -19.53
CA LEU A 127 -10.89 6.20 -18.45
C LEU A 127 -10.37 6.80 -17.15
N VAL A 128 -10.95 6.35 -16.05
CA VAL A 128 -10.59 6.83 -14.74
C VAL A 128 -9.21 6.37 -14.28
N ILE A 129 -8.45 7.32 -13.74
CA ILE A 129 -7.13 7.02 -13.21
C ILE A 129 -7.23 7.12 -11.70
N PRO A 130 -6.86 6.04 -10.98
CA PRO A 130 -6.92 6.04 -9.53
C PRO A 130 -5.75 6.78 -8.89
N LYS A 131 -5.93 7.20 -7.65
CA LYS A 131 -4.85 7.85 -6.91
C LYS A 131 -3.75 6.78 -6.81
N HIS A 132 -2.50 7.19 -6.94
CA HIS A 132 -1.38 6.27 -6.82
C HIS A 132 -0.10 7.06 -6.68
N VAL A 133 0.96 6.38 -6.27
CA VAL A 133 2.24 7.02 -6.07
C VAL A 133 3.34 6.00 -6.29
N TYR A 134 4.52 6.46 -6.72
CA TYR A 134 5.65 5.56 -6.92
C TYR A 134 6.36 5.41 -5.59
N LEU A 135 6.59 4.18 -5.16
CA LEU A 135 7.32 3.92 -3.92
C LEU A 135 8.80 3.97 -4.31
N ASN A 136 9.07 3.58 -5.55
CA ASN A 136 10.41 3.60 -6.11
C ASN A 136 10.24 3.37 -7.62
N ASP A 137 11.33 3.27 -8.36
CA ASP A 137 11.24 3.11 -9.81
C ASP A 137 10.44 1.92 -10.37
N THR A 138 10.36 0.83 -9.62
CA THR A 138 9.64 -0.35 -10.10
C THR A 138 8.47 -0.78 -9.22
N THR A 139 8.00 0.12 -8.37
CA THR A 139 6.89 -0.22 -7.48
C THR A 139 5.90 0.95 -7.39
N ILE A 140 4.65 0.66 -7.70
CA ILE A 140 3.61 1.69 -7.65
C ILE A 140 2.56 1.25 -6.64
N LEU A 141 2.18 2.17 -5.77
CA LEU A 141 1.19 1.88 -4.76
C LEU A 141 -0.10 2.53 -5.23
N ILE A 142 -1.10 1.69 -5.50
CA ILE A 142 -2.39 2.16 -5.98
C ILE A 142 -3.41 2.29 -4.86
N GLY A 143 -4.08 3.43 -4.81
CA GLY A 143 -5.10 3.64 -3.80
C GLY A 143 -4.73 4.74 -2.83
N GLU A 144 -3.50 5.23 -2.94
CA GLU A 144 -3.05 6.28 -2.07
C GLU A 144 -1.97 7.13 -2.75
N ASP A 145 -1.82 8.37 -2.28
CA ASP A 145 -0.82 9.31 -2.85
C ASP A 145 -0.36 10.28 -1.75
N ARG A 146 0.89 10.74 -1.84
CA ARG A 146 1.45 11.69 -0.85
C ARG A 146 2.70 12.37 -1.42
N PRO B 1 -0.42 -2.90 0.44
CA PRO B 1 0.30 -2.28 1.58
C PRO B 1 -0.34 -0.94 1.95
N VAL B 2 -0.05 -0.49 3.17
CA VAL B 2 -0.59 0.77 3.64
C VAL B 2 0.54 1.64 4.21
N GLU B 3 0.43 2.95 3.97
CA GLU B 3 1.42 3.88 4.47
C GLU B 3 1.01 4.47 5.82
N ALA B 4 1.93 4.44 6.78
CA ALA B 4 1.69 4.99 8.11
C ALA B 4 2.53 6.24 8.28
N ASP B 5 1.86 7.39 8.46
CA ASP B 5 2.53 8.67 8.63
C ASP B 5 2.75 8.85 10.12
N ILE B 6 4.00 8.80 10.56
CA ILE B 6 4.32 8.94 11.98
C ILE B 6 4.92 10.31 12.28
N SER B 7 4.78 11.25 11.34
CA SER B 7 5.34 12.60 11.49
C SER B 7 4.80 13.34 12.72
N LYS B 8 3.62 12.96 13.19
CA LYS B 8 3.04 13.62 14.35
C LYS B 8 2.87 12.71 15.54
N LEU B 9 3.44 11.50 15.45
CA LEU B 9 3.31 10.53 16.52
C LEU B 9 4.24 10.92 17.66
N GLU B 10 3.65 11.50 18.71
CA GLU B 10 4.43 11.97 19.83
C GLU B 10 4.96 10.88 20.74
N PRO B 11 5.97 11.21 21.56
CA PRO B 11 6.57 10.27 22.50
C PRO B 11 5.48 9.57 23.30
N GLY B 12 5.54 8.24 23.30
CA GLY B 12 4.59 7.41 24.04
C GLY B 12 3.24 7.19 23.40
N ALA B 13 3.00 7.84 22.26
CA ALA B 13 1.72 7.68 21.60
C ALA B 13 1.68 6.43 20.69
N LEU B 14 0.47 5.99 20.39
CA LEU B 14 0.26 4.83 19.55
C LEU B 14 -0.68 5.16 18.40
N LEU B 15 -0.22 4.87 17.19
CA LEU B 15 -0.97 5.09 15.96
C LEU B 15 -1.50 3.76 15.45
N ARG B 16 -2.78 3.73 15.07
CA ARG B 16 -3.38 2.50 14.57
C ARG B 16 -3.72 2.62 13.08
N VAL B 17 -3.30 1.65 12.27
CA VAL B 17 -3.65 1.70 10.85
C VAL B 17 -4.19 0.32 10.51
N LYS B 18 -5.09 0.25 9.54
CA LYS B 18 -5.68 -1.03 9.16
C LYS B 18 -4.95 -1.63 7.97
N TRP B 19 -4.62 -2.91 8.09
CA TRP B 19 -3.92 -3.65 7.03
C TRP B 19 -4.50 -5.06 6.98
N ARG B 20 -5.03 -5.45 5.82
CA ARG B 20 -5.64 -6.76 5.64
C ARG B 20 -6.67 -7.02 6.73
N GLY B 21 -7.46 -5.98 7.02
CA GLY B 21 -8.51 -6.07 8.02
C GLY B 21 -8.03 -6.18 9.45
N LYS B 22 -6.72 -6.11 9.64
CA LYS B 22 -6.13 -6.22 10.97
C LYS B 22 -5.60 -4.88 11.50
N PRO B 23 -5.62 -4.71 12.82
CA PRO B 23 -5.10 -3.43 13.35
C PRO B 23 -3.58 -3.50 13.46
N VAL B 24 -2.87 -2.51 12.91
CA VAL B 24 -1.42 -2.50 13.06
C VAL B 24 -1.08 -1.30 13.92
N TRP B 25 -0.35 -1.56 15.00
CA TRP B 25 0.05 -0.50 15.91
C TRP B 25 1.46 0.02 15.62
N LEU B 26 1.64 1.32 15.80
CA LEU B 26 2.96 1.94 15.65
C LEU B 26 3.09 2.76 16.92
N VAL B 27 4.04 2.37 17.78
CA VAL B 27 4.26 3.05 19.03
C VAL B 27 5.59 3.80 19.08
N HIS B 28 5.51 5.06 19.47
CA HIS B 28 6.71 5.86 19.58
C HIS B 28 7.26 5.62 20.99
N ARG B 29 8.30 4.81 21.08
CA ARG B 29 8.90 4.50 22.38
C ARG B 29 9.92 5.55 22.80
N THR B 30 9.91 5.85 24.09
CA THR B 30 10.83 6.81 24.69
C THR B 30 12.07 6.06 25.17
N PRO B 31 13.15 6.79 25.46
CA PRO B 31 14.34 6.09 25.92
C PRO B 31 14.03 5.36 27.23
N GLU B 32 13.11 5.92 28.02
CA GLU B 32 12.74 5.29 29.29
C GLU B 32 12.09 3.92 29.06
N MET B 33 11.23 3.85 28.06
CA MET B 33 10.56 2.60 27.72
C MET B 33 11.59 1.58 27.25
N LEU B 34 12.52 2.04 26.43
CA LEU B 34 13.55 1.17 25.89
C LEU B 34 14.50 0.65 26.97
N ALA B 35 14.87 1.53 27.89
CA ALA B 35 15.79 1.17 28.97
C ALA B 35 15.34 -0.01 29.84
N ALA B 36 14.02 -0.18 29.96
CA ALA B 36 13.46 -1.24 30.77
C ALA B 36 13.21 -2.57 30.05
N LEU B 37 13.25 -2.58 28.72
CA LEU B 37 12.99 -3.81 27.99
C LEU B 37 13.83 -5.05 28.36
N PRO B 38 15.16 -4.91 28.44
CA PRO B 38 16.00 -6.06 28.79
C PRO B 38 15.67 -6.67 30.14
N SER B 39 15.24 -5.83 31.07
CA SER B 39 14.91 -6.31 32.40
C SER B 39 13.72 -7.27 32.36
N ASN B 40 12.95 -7.26 31.28
CA ASN B 40 11.80 -8.18 31.17
C ASN B 40 12.23 -9.59 30.75
N ASP B 41 13.35 -9.68 30.06
CA ASP B 41 13.84 -10.95 29.53
C ASP B 41 13.61 -12.25 30.32
N PRO B 42 14.03 -12.29 31.59
CA PRO B 42 13.86 -13.50 32.40
C PRO B 42 12.41 -13.88 32.60
N LYS B 43 11.53 -12.91 32.42
CA LYS B 43 10.11 -13.12 32.63
C LYS B 43 9.34 -13.39 31.36
N LEU B 44 10.03 -13.38 30.23
CA LEU B 44 9.41 -13.58 28.94
C LEU B 44 9.55 -14.99 28.39
N VAL B 45 8.58 -15.40 27.58
CA VAL B 45 8.61 -16.72 26.97
C VAL B 45 9.69 -16.84 25.89
N ASP B 46 9.75 -15.82 25.03
CA ASP B 46 10.67 -15.80 23.89
C ASP B 46 11.35 -14.45 23.74
N PRO B 47 12.15 -14.06 24.75
CA PRO B 47 12.86 -12.78 24.75
C PRO B 47 13.77 -12.56 23.52
N ASN B 48 14.20 -13.62 22.87
CA ASN B 48 15.07 -13.51 21.71
C ASN B 48 14.34 -13.65 20.38
N SER B 49 13.02 -13.71 20.43
CA SER B 49 12.20 -13.84 19.24
C SER B 49 12.58 -15.02 18.36
N GLU B 50 12.84 -16.16 18.97
CA GLU B 50 13.20 -17.34 18.21
C GLU B 50 12.01 -17.86 17.42
N VAL B 51 10.79 -17.65 17.93
CA VAL B 51 9.61 -18.09 17.18
C VAL B 51 9.50 -17.06 16.05
N PRO B 52 9.36 -17.53 14.79
CA PRO B 52 9.26 -16.62 13.64
C PRO B 52 7.97 -15.79 13.58
N GLN B 53 7.81 -14.89 14.54
CA GLN B 53 6.65 -14.00 14.61
C GLN B 53 6.98 -12.63 14.01
N GLN B 54 8.08 -12.55 13.28
CA GLN B 54 8.47 -11.28 12.70
C GLN B 54 9.53 -11.46 11.60
N PRO B 55 9.69 -10.46 10.73
CA PRO B 55 10.70 -10.57 9.66
C PRO B 55 12.04 -10.56 10.37
N ASP B 56 13.09 -11.04 9.72
CA ASP B 56 14.42 -11.09 10.34
C ASP B 56 14.97 -9.74 10.77
N TYR B 57 14.56 -8.67 10.11
CA TYR B 57 15.06 -7.36 10.47
C TYR B 57 14.44 -6.83 11.75
N CYS B 58 13.56 -7.62 12.35
CA CYS B 58 12.94 -7.26 13.63
C CYS B 58 13.26 -8.34 14.67
N LYS B 59 14.10 -9.30 14.30
CA LYS B 59 14.47 -10.33 15.27
C LYS B 59 15.63 -9.76 16.06
N ASN B 60 15.29 -8.93 17.05
CA ASN B 60 16.27 -8.28 17.89
C ASN B 60 15.61 -7.88 19.20
N PRO B 61 16.40 -7.41 20.19
CA PRO B 61 15.90 -7.00 21.50
C PRO B 61 14.70 -6.05 21.55
N THR B 62 14.58 -5.17 20.56
CA THR B 62 13.46 -4.24 20.56
C THR B 62 12.42 -4.62 19.52
N ARG B 63 12.63 -5.79 18.90
CA ARG B 63 11.80 -6.33 17.83
C ARG B 63 11.37 -5.24 16.86
N SER B 64 12.34 -4.48 16.36
CA SER B 64 12.05 -3.39 15.43
C SER B 64 13.24 -2.97 14.58
N ILE B 65 12.97 -2.17 13.57
CA ILE B 65 14.03 -1.68 12.71
C ILE B 65 14.75 -0.56 13.45
N LYS B 66 13.98 0.31 14.10
CA LYS B 66 14.58 1.42 14.84
C LYS B 66 14.12 1.32 16.27
N PRO B 67 14.97 1.71 17.24
CA PRO B 67 14.47 1.60 18.60
C PRO B 67 13.28 2.49 18.91
N GLN B 68 13.24 3.70 18.33
CA GLN B 68 12.17 4.66 18.61
C GLN B 68 10.75 4.25 18.27
N TYR B 69 10.59 3.30 17.36
CA TYR B 69 9.24 2.88 16.97
C TYR B 69 9.01 1.38 16.96
N LEU B 70 7.92 0.98 17.58
CA LEU B 70 7.54 -0.43 17.59
C LEU B 70 6.41 -0.55 16.57
N VAL B 71 6.52 -1.55 15.69
CA VAL B 71 5.45 -1.81 14.71
C VAL B 71 4.99 -3.25 14.96
N ALA B 72 3.70 -3.44 15.24
CA ALA B 72 3.19 -4.78 15.49
C ALA B 72 1.70 -4.92 15.23
N ILE B 73 1.25 -6.14 14.93
CA ILE B 73 -0.18 -6.41 14.72
C ILE B 73 -0.86 -6.48 16.08
N GLY B 74 -1.82 -5.58 16.30
CA GLY B 74 -2.54 -5.48 17.56
C GLY B 74 -3.57 -6.56 17.84
N ILE B 75 -3.19 -7.82 17.64
CA ILE B 75 -4.10 -8.94 17.87
C ILE B 75 -3.45 -9.94 18.83
N CYS B 76 -4.13 -10.28 19.92
CA CYS B 76 -3.60 -11.26 20.94
C CYS B 76 -3.41 -12.66 20.30
N THR B 77 -2.21 -13.21 20.57
CA THR B 77 -1.86 -14.51 20.02
C THR B 77 -2.55 -15.68 20.73
N HIS B 78 -3.37 -15.40 21.73
CA HIS B 78 -4.10 -16.44 22.37
C HIS B 78 -5.35 -16.72 21.52
N LEU B 79 -6.36 -15.86 21.66
CA LEU B 79 -7.54 -16.07 20.88
C LEU B 79 -7.94 -14.85 20.08
N GLY B 80 -7.08 -13.86 19.85
CA GLY B 80 -7.60 -12.83 18.97
C GLY B 80 -8.32 -11.53 19.45
N CYS B 81 -8.43 -11.25 20.75
CA CYS B 81 -8.89 -9.96 21.20
C CYS B 81 -7.80 -8.99 20.89
N SER B 82 -8.16 -7.74 21.01
CA SER B 82 -7.20 -6.66 20.80
C SER B 82 -6.81 -6.19 22.19
N PRO B 83 -5.53 -6.34 22.54
CA PRO B 83 -5.01 -5.93 23.86
C PRO B 83 -5.08 -4.42 24.09
N THR B 84 -5.13 -4.03 25.36
CA THR B 84 -5.13 -2.63 25.69
C THR B 84 -3.68 -2.20 25.77
N TYR B 85 -3.45 -0.93 25.51
CA TYR B 85 -2.10 -0.37 25.56
C TYR B 85 -1.95 0.26 26.95
N ARG B 86 -0.96 -0.19 27.71
CA ARG B 86 -0.72 0.30 29.05
C ARG B 86 0.75 0.71 29.21
N PRO B 87 1.11 1.87 28.66
CA PRO B 87 2.47 2.41 28.71
C PRO B 87 2.99 2.86 30.08
N GLU B 88 2.08 3.17 31.00
CA GLU B 88 2.48 3.64 32.33
C GLU B 88 3.21 2.56 33.13
N PHE B 89 4.26 2.96 33.82
CA PHE B 89 5.02 2.03 34.64
C PHE B 89 4.33 1.81 35.97
N GLY B 90 4.38 0.58 36.45
CA GLY B 90 3.83 0.22 37.74
C GLY B 90 2.41 0.53 38.13
N PRO B 91 1.42 0.41 37.24
CA PRO B 91 0.08 0.72 37.74
C PRO B 91 -0.35 -0.36 38.74
N ASP B 92 -1.20 0.01 39.71
CA ASP B 92 -1.65 -0.93 40.72
C ASP B 92 -2.18 -2.26 40.21
N ASP B 93 -2.98 -2.22 39.14
CA ASP B 93 -3.54 -3.45 38.62
C ASP B 93 -2.55 -4.40 37.98
N LEU B 94 -1.48 -3.89 37.40
CA LEU B 94 -0.51 -4.75 36.73
C LEU B 94 0.74 -5.05 37.55
N GLY B 95 0.88 -4.41 38.70
CA GLY B 95 2.06 -4.66 39.52
C GLY B 95 3.07 -3.53 39.47
N ALA B 96 3.77 -3.32 40.57
CA ALA B 96 4.76 -2.24 40.67
C ALA B 96 5.94 -2.41 39.72
N ASP B 97 6.23 -3.65 39.33
CA ASP B 97 7.36 -3.89 38.42
C ASP B 97 7.00 -3.83 36.94
N TRP B 98 5.75 -3.49 36.63
CA TRP B 98 5.30 -3.38 35.23
C TRP B 98 6.05 -2.23 34.55
N LYS B 99 6.71 -2.53 33.43
CA LYS B 99 7.49 -1.54 32.71
C LYS B 99 6.80 -1.02 31.44
N GLY B 100 5.47 -1.07 31.42
CA GLY B 100 4.75 -0.61 30.24
C GLY B 100 4.61 -1.77 29.27
N GLY B 101 3.55 -1.75 28.48
CA GLY B 101 3.32 -2.83 27.52
C GLY B 101 1.86 -2.93 27.15
N PHE B 102 1.37 -4.15 26.95
CA PHE B 102 -0.01 -4.38 26.57
C PHE B 102 -0.65 -5.46 27.43
N PHE B 103 -1.94 -5.29 27.70
CA PHE B 103 -2.67 -6.22 28.52
C PHE B 103 -3.96 -6.62 27.81
N CYS B 104 -4.10 -7.90 27.51
CA CYS B 104 -5.24 -8.35 26.84
C CYS B 104 -6.47 -8.51 27.84
N PRO B 105 -7.53 -7.79 27.65
CA PRO B 105 -8.69 -7.83 28.54
C PRO B 105 -9.54 -9.09 28.49
N CYS B 106 -9.30 -9.92 27.48
CA CYS B 106 -10.14 -11.12 27.39
C CYS B 106 -9.60 -12.24 28.38
N HIS B 107 -8.29 -12.64 28.25
CA HIS B 107 -7.96 -13.70 29.31
C HIS B 107 -6.63 -13.27 30.01
N GLY B 108 -6.31 -11.96 30.10
CA GLY B 108 -5.10 -11.52 30.82
C GLY B 108 -3.69 -11.70 30.25
N SER B 109 -3.49 -12.04 29.00
CA SER B 109 -2.17 -12.20 28.56
C SER B 109 -1.49 -10.74 28.57
N ARG B 110 -0.19 -10.76 28.84
CA ARG B 110 0.59 -9.54 28.94
C ARG B 110 1.75 -9.59 27.97
N PHE B 111 2.07 -8.44 27.37
CA PHE B 111 3.18 -8.33 26.42
C PHE B 111 3.91 -7.05 26.82
N ASP B 112 5.22 -7.00 26.58
CA ASP B 112 5.95 -5.80 26.94
C ASP B 112 5.96 -4.81 25.80
N LEU B 113 6.81 -3.79 25.88
CA LEU B 113 6.84 -2.78 24.84
C LEU B 113 7.64 -3.14 23.58
N ALA B 114 7.94 -4.43 23.43
CA ALA B 114 8.59 -4.97 22.23
C ALA B 114 7.58 -6.03 21.76
N ALA B 115 6.41 -5.97 22.39
CA ALA B 115 5.31 -6.88 22.11
C ALA B 115 5.65 -8.34 22.39
N ARG B 116 6.59 -8.55 23.31
CA ARG B 116 6.97 -9.91 23.69
C ARG B 116 6.05 -10.40 24.80
N VAL B 117 5.57 -11.64 24.68
CA VAL B 117 4.65 -12.22 25.65
C VAL B 117 5.33 -12.71 26.94
N PHE B 118 4.70 -12.45 28.08
CA PHE B 118 5.25 -12.91 29.35
C PHE B 118 4.91 -14.38 29.57
N LYS B 119 5.69 -15.02 30.42
CA LYS B 119 5.47 -16.42 30.76
C LYS B 119 4.15 -16.58 31.50
N ASN B 120 3.59 -17.77 31.39
CA ASN B 120 2.36 -18.16 32.08
C ASN B 120 1.09 -17.35 31.89
N VAL B 121 0.80 -16.99 30.64
CA VAL B 121 -0.46 -16.33 30.32
C VAL B 121 -0.99 -17.21 29.21
N PRO B 122 -2.27 -17.03 28.81
CA PRO B 122 -2.80 -17.89 27.75
C PRO B 122 -2.12 -17.76 26.39
N ALA B 123 -1.65 -16.55 26.06
CA ALA B 123 -0.97 -16.31 24.79
C ALA B 123 0.37 -17.02 24.86
N PRO B 124 0.70 -17.84 23.84
CA PRO B 124 1.98 -18.54 23.89
C PRO B 124 3.13 -17.88 23.15
N THR B 125 2.81 -16.90 22.30
CA THR B 125 3.85 -16.27 21.49
C THR B 125 3.82 -14.75 21.44
N ASN B 126 4.94 -14.16 21.04
CA ASN B 126 5.05 -12.70 20.91
C ASN B 126 4.11 -12.25 19.80
N LEU B 127 3.55 -11.05 19.91
CA LEU B 127 2.68 -10.53 18.87
C LEU B 127 3.38 -10.54 17.50
N VAL B 128 2.60 -10.76 16.45
CA VAL B 128 3.11 -10.79 15.10
C VAL B 128 3.52 -9.41 14.61
N ILE B 129 4.65 -9.34 13.93
CA ILE B 129 5.13 -8.09 13.35
C ILE B 129 5.08 -8.28 11.85
N PRO B 130 4.34 -7.42 11.14
CA PRO B 130 4.22 -7.52 9.68
C PRO B 130 5.45 -7.02 8.94
N LYS B 131 5.57 -7.43 7.69
CA LYS B 131 6.66 -6.96 6.85
C LYS B 131 6.41 -5.45 6.75
N HIS B 132 7.48 -4.67 6.77
CA HIS B 132 7.37 -3.22 6.64
C HIS B 132 8.73 -2.60 6.38
N VAL B 133 8.72 -1.36 5.93
CA VAL B 133 9.95 -0.66 5.61
C VAL B 133 9.74 0.84 5.69
N TYR B 134 10.78 1.57 6.09
CA TYR B 134 10.68 3.02 6.14
C TYR B 134 10.87 3.58 4.75
N LEU B 135 9.92 4.39 4.28
CA LEU B 135 10.05 5.03 2.97
C LEU B 135 10.94 6.24 3.22
N ASN B 136 10.80 6.79 4.43
CA ASN B 136 11.62 7.91 4.91
C ASN B 136 11.45 7.95 6.42
N ASP B 137 12.07 8.91 7.09
CA ASP B 137 12.01 8.98 8.56
C ASP B 137 10.63 9.11 9.20
N THR B 138 9.65 9.60 8.45
CA THR B 138 8.32 9.77 9.01
C THR B 138 7.23 8.98 8.30
N THR B 139 7.63 8.03 7.46
CA THR B 139 6.65 7.24 6.71
C THR B 139 7.05 5.78 6.68
N ILE B 140 6.20 4.91 7.22
CA ILE B 140 6.47 3.48 7.25
C ILE B 140 5.44 2.77 6.39
N LEU B 141 5.93 1.98 5.43
CA LEU B 141 5.05 1.23 4.57
C LEU B 141 4.84 -0.14 5.22
N ILE B 142 3.58 -0.46 5.50
CA ILE B 142 3.23 -1.72 6.15
C ILE B 142 2.68 -2.73 5.16
N GLY B 143 3.25 -3.92 5.17
CA GLY B 143 2.80 -4.98 4.29
C GLY B 143 3.81 -5.44 3.25
N GLU B 144 4.83 -4.61 2.99
CA GLU B 144 5.88 -4.92 2.01
C GLU B 144 7.19 -4.40 2.59
N ASP B 145 8.30 -4.96 2.10
CA ASP B 145 9.62 -4.54 2.53
C ASP B 145 10.57 -4.59 1.34
N ARG B 146 11.76 -4.03 1.50
CA ARG B 146 12.76 -4.01 0.43
C ARG B 146 13.13 -5.42 0.01
FE1 FES C . -17.62 0.05 -23.71
FE2 FES C . -20.29 0.34 -24.27
S1 FES C . -18.43 0.86 -25.63
S2 FES C . -19.42 -0.53 -22.44
S SO4 D . -7.71 0.57 -0.41
O1 SO4 D . -9.05 1.01 -0.83
O2 SO4 D . -6.68 1.32 -1.16
O3 SO4 D . -7.54 0.82 1.03
O4 SO4 D . -7.56 -0.88 -0.68
CL CL E . -8.87 -7.65 -15.61
C1 GOL F . -1.76 19.30 -30.22
O1 GOL F . -3.14 19.16 -29.85
C2 GOL F . -1.27 18.05 -30.95
O2 GOL F . -2.21 17.67 -31.98
C3 GOL F . 0.09 18.33 -31.59
O3 GOL F . 0.41 17.31 -32.54
FE1 FES G . -5.83 -12.35 24.67
FE2 FES G . -7.11 -14.63 25.45
S1 FES G . -5.52 -13.34 26.62
S2 FES G . -7.49 -13.45 23.55
S SO4 H . -1.43 -6.26 0.64
O1 SO4 H . -1.06 -7.69 0.54
O2 SO4 H . -1.35 -5.65 -0.69
O3 SO4 H . -0.49 -5.57 1.55
O4 SO4 H . -2.80 -6.13 1.14
S SO4 I . 13.07 10.35 19.85
O1 SO4 I . 12.98 11.80 19.60
O2 SO4 I . 12.03 9.64 19.09
O3 SO4 I . 12.89 10.07 21.28
O4 SO4 I . 14.39 9.85 19.41
S SO4 J . 2.89 -12.51 2.56
O1 SO4 J . 1.87 -11.45 2.67
O2 SO4 J . 2.72 -13.22 1.28
O3 SO4 J . 2.75 -13.45 3.68
O4 SO4 J . 4.23 -11.89 2.61
C1 GOL K . -2.26 -11.76 14.02
O1 GOL K . -2.06 -11.64 12.61
C2 GOL K . -2.06 -13.21 14.46
O2 GOL K . -2.98 -14.07 13.76
C3 GOL K . -2.27 -13.34 15.97
O3 GOL K . -2.05 -14.69 16.37
C1 GOL L . 6.74 14.28 18.33
O1 GOL L . 8.14 14.05 18.40
C2 GOL L . 6.33 14.77 16.96
O2 GOL L . 7.29 15.70 16.46
C3 GOL L . 4.95 15.39 16.92
O3 GOL L . 4.80 16.29 15.83
#